data_2AXJ
#
_entry.id   2AXJ
#
_cell.length_a   187.478
_cell.length_b   187.478
_cell.length_c   86.679
_cell.angle_alpha   90.00
_cell.angle_beta   90.00
_cell.angle_gamma   120.00
#
_symmetry.space_group_name_H-M   'P 63 2 2'
#
loop_
_entity.id
_entity.type
_entity.pdbx_description
1 polymer 'SF4 T cell receptor beta chain'
2 water water
#
_entity_poly.entity_id   1
_entity_poly.type   'polypeptide(L)'
_entity_poly.pdbx_seq_one_letter_code
;DGGITQSPKYLFRKEGQNVTLSCEQNLNHDAMYWYRQDPGQGLRLIYYSQIVNDFQKGDIAEGYSVSREKKESFPLTVTS
AQKNPTAFYLCASRDRGTEKLFFGSGTQLSVLEDLNKVFPPEVAVFEPSEAEISHTQKATLVCLATGFYPDHVELSWWVN
GKEVHSGVSTDPQPLKEQPALNDSRYCLSSRLRVSATFWQNPRNHFRCQVQFYGLSENDEWTQDRAKPVTQIVSAEAWGR
AD
;
_entity_poly.pdbx_strand_id   A,B
#
# COMPACT_ATOMS: atom_id res chain seq x y z
N ASP A 1 -8.65 -11.85 4.33
CA ASP A 1 -9.74 -12.81 3.98
C ASP A 1 -9.97 -13.82 5.11
N GLY A 2 -10.04 -13.31 6.34
CA GLY A 2 -10.26 -14.17 7.48
C GLY A 2 -8.96 -14.79 8.00
N GLY A 3 -8.20 -14.01 8.75
CA GLY A 3 -6.95 -14.51 9.30
C GLY A 3 -6.66 -13.95 10.68
N ILE A 4 -5.38 -13.83 11.00
CA ILE A 4 -4.97 -13.30 12.29
C ILE A 4 -4.41 -11.90 12.13
N THR A 5 -4.74 -11.02 13.05
CA THR A 5 -4.25 -9.66 13.03
C THR A 5 -3.59 -9.43 14.37
N GLN A 6 -2.30 -9.09 14.37
CA GLN A 6 -1.65 -8.82 15.64
C GLN A 6 -0.98 -7.46 15.61
N SER A 7 -0.27 -7.14 16.68
CA SER A 7 0.42 -5.86 16.80
C SER A 7 1.35 -5.62 15.61
N PRO A 8 1.77 -4.38 15.39
CA PRO A 8 2.66 -4.07 14.26
C PRO A 8 3.93 -4.91 14.24
N LYS A 9 4.54 -5.03 13.06
CA LYS A 9 5.76 -5.81 12.88
C LYS A 9 6.93 -5.43 13.83
N TYR A 10 7.01 -4.16 14.24
CA TYR A 10 8.04 -3.70 15.16
C TYR A 10 7.46 -2.79 16.23
N LEU A 11 7.88 -2.98 17.48
CA LEU A 11 7.41 -2.14 18.59
C LEU A 11 8.53 -1.76 19.56
N PHE A 12 8.30 -0.68 20.30
CA PHE A 12 9.26 -0.21 21.29
C PHE A 12 8.75 -0.46 22.71
N ARG A 13 9.67 -0.87 23.58
CA ARG A 13 9.37 -1.13 24.98
C ARG A 13 10.51 -0.52 25.76
N LYS A 14 10.20 0.50 26.57
CA LYS A 14 11.23 1.16 27.38
C LYS A 14 11.40 0.34 28.66
N GLU A 15 12.61 0.34 29.21
CA GLU A 15 12.88 -0.43 30.43
C GLU A 15 11.83 -0.13 31.50
N GLY A 16 11.21 -1.19 32.02
CA GLY A 16 10.20 -1.03 33.05
C GLY A 16 8.93 -0.39 32.54
N GLN A 17 8.47 -0.84 31.37
CA GLN A 17 7.24 -0.32 30.78
C GLN A 17 6.31 -1.47 30.41
N ASN A 18 5.02 -1.27 30.61
CA ASN A 18 4.03 -2.29 30.29
C ASN A 18 3.52 -2.08 28.87
N VAL A 19 3.56 -3.14 28.07
CA VAL A 19 3.11 -3.09 26.70
C VAL A 19 2.17 -4.26 26.40
N THR A 20 1.14 -3.99 25.61
CA THR A 20 0.19 -5.04 25.23
C THR A 20 0.23 -5.27 23.72
N LEU A 21 0.34 -6.54 23.32
CA LEU A 21 0.36 -6.90 21.91
C LEU A 21 -0.99 -7.52 21.59
N SER A 22 -1.75 -6.87 20.72
CA SER A 22 -3.05 -7.39 20.34
C SER A 22 -2.92 -8.64 19.49
N CYS A 23 -4.01 -9.37 19.39
CA CYS A 23 -4.09 -10.55 18.54
C CYS A 23 -5.55 -10.91 18.38
N GLU A 24 -6.02 -10.78 17.14
CA GLU A 24 -7.41 -11.08 16.85
C GLU A 24 -7.55 -11.96 15.61
N GLN A 25 -8.56 -12.83 15.65
CA GLN A 25 -8.83 -13.72 14.52
C GLN A 25 -10.32 -13.85 14.30
N ASN A 26 -10.71 -13.93 13.04
CA ASN A 26 -12.11 -14.09 12.67
C ASN A 26 -12.25 -15.45 11.99
N LEU A 27 -11.70 -16.47 12.63
CA LEU A 27 -11.78 -17.83 12.10
C LEU A 27 -12.64 -18.65 13.06
N ASN A 28 -13.08 -17.99 14.13
CA ASN A 28 -13.92 -18.64 15.13
C ASN A 28 -13.20 -19.83 15.75
N HIS A 29 -11.89 -19.69 15.91
CA HIS A 29 -11.09 -20.74 16.51
C HIS A 29 -11.21 -20.58 18.01
N ASP A 30 -11.27 -21.70 18.73
CA ASP A 30 -11.41 -21.65 20.18
C ASP A 30 -10.06 -21.39 20.84
N ALA A 31 -9.04 -22.13 20.39
CA ALA A 31 -7.71 -22.01 20.95
C ALA A 31 -6.81 -20.98 20.27
N MET A 32 -6.09 -20.24 21.11
CA MET A 32 -5.17 -19.23 20.64
C MET A 32 -3.87 -19.33 21.44
N TYR A 33 -2.75 -19.01 20.80
CA TYR A 33 -1.44 -19.10 21.45
C TYR A 33 -0.55 -17.89 21.23
N TRP A 34 0.43 -17.75 22.13
CA TRP A 34 1.42 -16.70 22.02
C TRP A 34 2.78 -17.38 22.20
N TYR A 35 3.67 -17.19 21.22
CA TYR A 35 5.00 -17.76 21.28
C TYR A 35 6.05 -16.66 21.29
N ARG A 36 7.23 -17.01 21.80
CA ARG A 36 8.36 -16.09 21.80
C ARG A 36 9.46 -16.88 21.11
N GLN A 37 10.15 -16.24 20.17
CA GLN A 37 11.23 -16.92 19.49
C GLN A 37 12.57 -16.63 20.14
N ASP A 38 13.11 -17.63 20.83
CA ASP A 38 14.41 -17.49 21.48
C ASP A 38 15.45 -18.14 20.58
N PRO A 39 16.44 -17.37 20.13
CA PRO A 39 17.53 -17.80 19.24
C PRO A 39 17.98 -19.22 19.58
N GLY A 40 17.89 -19.56 20.87
CA GLY A 40 18.29 -20.87 21.30
C GLY A 40 17.43 -22.03 20.79
N GLN A 41 16.17 -22.10 21.22
CA GLN A 41 15.28 -23.18 20.82
C GLN A 41 14.13 -22.82 19.90
N GLY A 42 14.27 -21.74 19.14
CA GLY A 42 13.19 -21.36 18.24
C GLY A 42 11.91 -20.98 18.99
N LEU A 43 10.75 -21.31 18.43
CA LEU A 43 9.47 -20.97 19.05
C LEU A 43 9.21 -21.67 20.38
N ARG A 44 8.81 -20.88 21.38
CA ARG A 44 8.49 -21.40 22.69
C ARG A 44 7.18 -20.79 23.21
N LEU A 45 6.27 -21.66 23.62
CA LEU A 45 4.96 -21.22 24.12
C LEU A 45 4.98 -20.40 25.40
N ILE A 46 4.40 -19.20 25.33
CA ILE A 46 4.31 -18.30 26.47
C ILE A 46 2.99 -18.57 27.21
N TYR A 47 1.89 -18.47 26.47
CA TYR A 47 0.55 -18.68 27.02
C TYR A 47 -0.32 -19.36 25.97
N TYR A 48 -1.35 -20.04 26.45
CA TYR A 48 -2.24 -20.75 25.56
C TYR A 48 -3.65 -20.71 26.17
N SER A 49 -4.65 -20.61 25.31
CA SER A 49 -6.06 -20.52 25.74
C SER A 49 -6.93 -21.47 24.93
N GLN A 50 -7.55 -22.43 25.63
CA GLN A 50 -8.41 -23.44 25.00
C GLN A 50 -9.77 -22.90 24.60
N ILE A 51 -10.34 -22.07 25.46
CA ILE A 51 -11.65 -21.45 25.20
C ILE A 51 -11.76 -20.17 26.02
N VAL A 52 -12.79 -19.39 25.73
CA VAL A 52 -13.02 -18.12 26.41
C VAL A 52 -12.78 -18.17 27.92
N ASN A 53 -12.07 -17.17 28.42
CA ASN A 53 -11.76 -17.04 29.85
C ASN A 53 -10.78 -18.03 30.46
N ASP A 54 -10.18 -18.87 29.63
CA ASP A 54 -9.20 -19.84 30.13
C ASP A 54 -7.83 -19.64 29.50
N PHE A 55 -6.79 -19.70 30.32
CA PHE A 55 -5.43 -19.57 29.82
C PHE A 55 -4.44 -20.34 30.68
N GLN A 56 -3.68 -21.21 30.02
CA GLN A 56 -2.67 -22.05 30.66
C GLN A 56 -1.28 -21.46 30.44
N LYS A 57 -0.51 -21.33 31.52
CA LYS A 57 0.84 -20.80 31.42
C LYS A 57 1.75 -21.73 30.62
N GLY A 58 2.80 -21.17 30.05
CA GLY A 58 3.76 -21.96 29.30
C GLY A 58 4.98 -21.99 30.20
N ASP A 59 6.11 -22.47 29.69
CA ASP A 59 7.32 -22.54 30.51
C ASP A 59 7.98 -21.18 30.73
N ILE A 60 7.81 -20.26 29.78
CA ILE A 60 8.41 -18.94 29.91
C ILE A 60 7.42 -17.82 30.25
N ALA A 61 6.23 -18.21 30.73
CA ALA A 61 5.16 -17.27 31.09
C ALA A 61 5.54 -16.26 32.16
N GLU A 62 6.76 -16.33 32.64
CA GLU A 62 7.25 -15.42 33.68
C GLU A 62 7.37 -13.99 33.18
N GLY A 63 6.47 -13.11 33.63
CA GLY A 63 6.55 -11.72 33.21
C GLY A 63 5.48 -11.30 32.23
N TYR A 64 4.69 -12.25 31.78
CA TYR A 64 3.63 -11.94 30.83
C TYR A 64 2.28 -12.24 31.44
N SER A 65 1.24 -11.66 30.87
CA SER A 65 -0.13 -11.90 31.32
C SER A 65 -1.02 -11.87 30.09
N VAL A 66 -2.11 -12.62 30.13
CA VAL A 66 -3.05 -12.66 29.02
C VAL A 66 -4.49 -12.68 29.55
N SER A 67 -5.43 -12.36 28.68
CA SER A 67 -6.84 -12.36 29.04
C SER A 67 -7.57 -12.96 27.85
N ARG A 68 -8.76 -13.49 28.07
CA ARG A 68 -9.51 -14.08 26.97
C ARG A 68 -10.99 -13.78 27.12
N GLU A 69 -11.30 -12.50 27.37
CA GLU A 69 -12.67 -12.02 27.53
C GLU A 69 -13.57 -12.52 26.40
N LYS A 70 -13.08 -12.46 25.17
CA LYS A 70 -13.83 -12.90 24.00
C LYS A 70 -13.08 -13.93 23.18
N LYS A 71 -13.82 -14.69 22.38
CA LYS A 71 -13.25 -15.72 21.54
C LYS A 71 -12.29 -15.21 20.48
N GLU A 72 -12.58 -14.03 19.93
CA GLU A 72 -11.76 -13.45 18.84
C GLU A 72 -10.43 -12.85 19.25
N SER A 73 -10.32 -12.41 20.50
CA SER A 73 -9.12 -11.73 20.96
C SER A 73 -8.33 -12.38 22.13
N PHE A 74 -7.00 -12.36 22.00
CA PHE A 74 -6.12 -12.94 23.01
C PHE A 74 -4.93 -12.02 23.18
N PRO A 75 -5.11 -10.90 23.90
CA PRO A 75 -4.06 -9.93 24.13
C PRO A 75 -2.94 -10.37 25.05
N LEU A 76 -1.70 -10.19 24.59
CA LEU A 76 -0.54 -10.54 25.40
C LEU A 76 0.07 -9.27 25.99
N THR A 77 0.22 -9.24 27.32
CA THR A 77 0.83 -8.08 27.95
C THR A 77 2.23 -8.40 28.43
N VAL A 78 3.19 -7.58 28.01
CA VAL A 78 4.55 -7.75 28.45
C VAL A 78 4.73 -6.73 29.54
N THR A 79 4.71 -7.20 30.79
CA THR A 79 4.85 -6.33 31.96
C THR A 79 6.26 -5.82 32.16
N SER A 80 6.39 -4.73 32.90
CA SER A 80 7.70 -4.14 33.17
C SER A 80 8.62 -5.16 33.84
N ALA A 81 8.01 -6.15 34.50
CA ALA A 81 8.75 -7.21 35.18
C ALA A 81 9.54 -8.04 34.17
N GLN A 82 9.07 -8.06 32.93
CA GLN A 82 9.74 -8.82 31.87
C GLN A 82 11.15 -8.28 31.65
N LYS A 83 12.15 -9.14 31.85
CA LYS A 83 13.54 -8.72 31.69
C LYS A 83 14.14 -9.15 30.36
N ASN A 84 13.30 -9.44 29.38
CA ASN A 84 13.84 -9.86 28.09
C ASN A 84 14.30 -8.66 27.29
N PRO A 85 15.48 -8.77 26.67
CA PRO A 85 16.18 -7.77 25.84
C PRO A 85 15.46 -7.32 24.55
N THR A 86 14.95 -8.29 23.80
CA THR A 86 14.25 -8.05 22.56
C THR A 86 13.88 -9.41 22.02
N ALA A 87 12.67 -9.55 21.51
CA ALA A 87 12.28 -10.84 20.99
C ALA A 87 11.16 -10.77 19.97
N PHE A 88 10.97 -11.87 19.29
CA PHE A 88 9.95 -12.00 18.28
C PHE A 88 8.77 -12.73 18.92
N TYR A 89 7.60 -12.10 18.88
CA TYR A 89 6.42 -12.71 19.45
C TYR A 89 5.48 -13.09 18.33
N LEU A 90 5.04 -14.34 18.35
CA LEU A 90 4.17 -14.84 17.31
C LEU A 90 2.85 -15.30 17.95
N CYS A 91 1.73 -14.93 17.33
CA CYS A 91 0.40 -15.33 17.81
C CYS A 91 -0.16 -16.42 16.89
N ALA A 92 -0.94 -17.34 17.44
CA ALA A 92 -1.54 -18.39 16.64
C ALA A 92 -2.91 -18.82 17.16
N SER A 93 -3.70 -19.45 16.29
CA SER A 93 -5.03 -19.91 16.66
C SER A 93 -5.29 -21.28 16.05
N ARG A 94 -6.19 -22.04 16.68
CA ARG A 94 -6.51 -23.37 16.22
C ARG A 94 -7.86 -23.78 16.77
N ASP A 95 -8.35 -24.95 16.33
CA ASP A 95 -9.62 -25.48 16.80
C ASP A 95 -9.44 -25.98 18.23
N ARG A 96 -8.50 -26.92 18.41
CA ARG A 96 -8.20 -27.50 19.71
C ARG A 96 -7.42 -28.81 19.56
N GLY A 97 -7.20 -29.49 20.69
CA GLY A 97 -6.46 -30.75 20.68
C GLY A 97 -5.12 -30.56 20.02
N THR A 98 -4.88 -31.28 18.92
CA THR A 98 -3.64 -31.17 18.15
C THR A 98 -3.99 -30.89 16.67
N GLU A 99 -4.93 -29.98 16.46
CA GLU A 99 -5.34 -29.61 15.12
C GLU A 99 -4.31 -28.66 14.51
N LYS A 100 -4.58 -28.15 13.31
CA LYS A 100 -3.65 -27.24 12.63
C LYS A 100 -3.66 -25.81 13.20
N LEU A 101 -2.46 -25.26 13.44
CA LEU A 101 -2.34 -23.90 13.98
C LEU A 101 -2.11 -22.89 12.86
N PHE A 102 -2.75 -21.73 12.97
CA PHE A 102 -2.61 -20.64 11.99
C PHE A 102 -1.80 -19.55 12.68
N PHE A 103 -0.80 -19.03 11.99
CA PHE A 103 0.07 -18.03 12.58
C PHE A 103 -0.07 -16.60 12.11
N GLY A 104 0.08 -15.69 13.07
CA GLY A 104 0.01 -14.28 12.77
C GLY A 104 1.31 -13.89 12.10
N SER A 105 1.37 -12.65 11.62
CA SER A 105 2.56 -12.16 10.94
C SER A 105 3.80 -11.99 11.81
N GLY A 106 3.63 -12.02 13.13
CA GLY A 106 4.76 -11.87 14.03
C GLY A 106 5.11 -10.43 14.37
N THR A 107 5.71 -10.25 15.54
CA THR A 107 6.10 -8.91 16.01
C THR A 107 7.42 -8.93 16.75
N GLN A 108 8.28 -7.97 16.47
CA GLN A 108 9.54 -7.91 17.18
C GLN A 108 9.38 -6.81 18.19
N LEU A 109 9.63 -7.14 19.45
CA LEU A 109 9.53 -6.13 20.50
C LEU A 109 10.95 -5.76 20.93
N SER A 110 11.39 -4.58 20.53
CA SER A 110 12.74 -4.11 20.86
C SER A 110 12.72 -3.30 22.14
N VAL A 111 13.58 -3.68 23.07
CA VAL A 111 13.68 -3.00 24.36
C VAL A 111 14.85 -2.02 24.39
N LEU A 112 14.57 -0.78 24.74
CA LEU A 112 15.61 0.23 24.84
C LEU A 112 15.11 1.44 25.63
N GLU A 113 16.00 2.12 26.34
CA GLU A 113 15.60 3.26 27.15
C GLU A 113 15.76 4.60 26.43
N ASP A 114 16.84 4.76 25.69
CA ASP A 114 17.05 6.01 24.96
C ASP A 114 16.33 5.98 23.63
N LEU A 115 15.67 7.07 23.29
CA LEU A 115 14.98 7.16 22.02
C LEU A 115 15.66 8.30 21.27
N ASN A 116 16.88 8.60 21.70
CA ASN A 116 17.67 9.66 21.09
C ASN A 116 18.21 9.20 19.75
N LYS A 117 18.53 7.91 19.68
CA LYS A 117 19.08 7.32 18.48
C LYS A 117 18.03 6.87 17.45
N VAL A 118 16.77 7.14 17.71
CA VAL A 118 15.71 6.73 16.80
C VAL A 118 15.55 7.75 15.68
N PHE A 119 15.63 7.26 14.44
CA PHE A 119 15.53 8.14 13.27
C PHE A 119 14.79 7.49 12.11
N PRO A 120 13.85 8.24 11.50
CA PRO A 120 13.10 7.70 10.37
C PRO A 120 14.08 7.64 9.18
N PRO A 121 13.71 6.96 8.10
CA PRO A 121 14.70 6.94 7.01
C PRO A 121 14.44 8.02 5.97
N GLU A 122 15.46 8.28 5.17
CA GLU A 122 15.35 9.20 4.05
C GLU A 122 15.32 8.24 2.88
N VAL A 123 14.51 8.55 1.88
CA VAL A 123 14.38 7.66 0.74
C VAL A 123 14.61 8.38 -0.58
N ALA A 124 15.33 7.72 -1.47
CA ALA A 124 15.64 8.30 -2.78
C ALA A 124 15.57 7.24 -3.86
N VAL A 125 15.17 7.66 -5.06
CA VAL A 125 15.06 6.76 -6.20
C VAL A 125 15.95 7.26 -7.36
N PHE A 126 16.73 6.35 -7.93
CA PHE A 126 17.61 6.70 -9.03
C PHE A 126 17.19 6.01 -10.30
N GLU A 127 17.05 6.81 -11.35
CA GLU A 127 16.62 6.32 -12.65
C GLU A 127 17.63 5.40 -13.33
N PRO A 128 17.16 4.58 -14.28
CA PRO A 128 18.06 3.67 -15.00
C PRO A 128 18.94 4.50 -15.93
N SER A 129 20.13 4.00 -16.21
CA SER A 129 21.05 4.73 -17.09
C SER A 129 20.65 4.51 -18.55
N GLU A 130 20.86 5.52 -19.39
CA GLU A 130 20.54 5.42 -20.80
C GLU A 130 21.32 4.26 -21.43
N ALA A 131 22.41 3.88 -20.78
CA ALA A 131 23.24 2.79 -21.26
C ALA A 131 22.59 1.44 -21.05
N GLU A 132 21.94 1.26 -19.90
CA GLU A 132 21.29 -0.01 -19.62
C GLU A 132 20.09 -0.20 -20.55
N ILE A 133 19.38 0.89 -20.75
CA ILE A 133 18.19 0.86 -21.57
C ILE A 133 18.49 0.38 -22.98
N SER A 134 19.44 1.01 -23.64
CA SER A 134 19.80 0.64 -25.00
C SER A 134 20.90 -0.40 -25.09
N HIS A 135 20.85 -1.42 -24.24
CA HIS A 135 21.85 -2.47 -24.25
C HIS A 135 21.16 -3.74 -23.80
N THR A 136 20.34 -3.61 -22.76
CA THR A 136 19.61 -4.74 -22.20
C THR A 136 18.14 -4.59 -22.50
N GLN A 137 17.76 -3.39 -22.95
CA GLN A 137 16.37 -3.09 -23.25
C GLN A 137 15.51 -3.21 -21.98
N LYS A 138 16.20 -3.20 -20.83
CA LYS A 138 15.54 -3.27 -19.53
C LYS A 138 15.86 -1.99 -18.79
N ALA A 139 15.10 -1.68 -17.76
CA ALA A 139 15.32 -0.46 -16.99
C ALA A 139 15.33 -0.80 -15.50
N THR A 140 16.33 -0.32 -14.78
CA THR A 140 16.41 -0.63 -13.37
C THR A 140 16.38 0.62 -12.51
N LEU A 141 15.35 0.68 -11.66
CA LEU A 141 15.19 1.80 -10.73
C LEU A 141 15.80 1.35 -9.42
N VAL A 142 16.56 2.24 -8.80
CA VAL A 142 17.17 1.90 -7.53
C VAL A 142 16.60 2.75 -6.43
N CYS A 143 16.38 2.12 -5.28
CA CYS A 143 15.85 2.82 -4.13
C CYS A 143 16.81 2.70 -2.98
N LEU A 144 17.15 3.84 -2.39
CA LEU A 144 18.05 3.87 -1.24
C LEU A 144 17.35 4.42 -0.01
N ALA A 145 17.28 3.59 1.03
CA ALA A 145 16.67 4.00 2.27
C ALA A 145 17.88 4.24 3.17
N THR A 146 18.03 5.45 3.70
CA THR A 146 19.20 5.74 4.52
C THR A 146 19.00 6.46 5.85
N GLY A 147 20.01 6.30 6.71
CA GLY A 147 20.04 6.94 8.00
C GLY A 147 18.85 6.73 8.93
N PHE A 148 18.46 5.49 9.15
CA PHE A 148 17.34 5.22 10.04
C PHE A 148 17.77 4.32 11.16
N TYR A 149 17.07 4.41 12.29
CA TYR A 149 17.39 3.60 13.44
C TYR A 149 16.20 3.49 14.37
N PRO A 150 15.90 2.29 14.85
CA PRO A 150 16.65 1.07 14.50
C PRO A 150 16.20 0.53 13.16
N ASP A 151 16.52 -0.73 12.87
CA ASP A 151 16.16 -1.33 11.59
C ASP A 151 14.70 -1.77 11.54
N HIS A 152 13.80 -0.80 11.67
CA HIS A 152 12.36 -1.06 11.66
C HIS A 152 11.71 -0.57 10.38
N VAL A 153 12.01 -1.20 9.26
CA VAL A 153 11.43 -0.77 8.00
C VAL A 153 10.99 -1.92 7.11
N GLU A 154 10.08 -1.58 6.20
CA GLU A 154 9.54 -2.49 5.20
C GLU A 154 9.52 -1.68 3.92
N LEU A 155 10.20 -2.17 2.89
CA LEU A 155 10.23 -1.46 1.61
C LEU A 155 9.35 -2.17 0.59
N SER A 156 8.68 -1.41 -0.26
CA SER A 156 7.83 -2.00 -1.29
C SER A 156 7.79 -1.05 -2.47
N TRP A 157 7.46 -1.56 -3.65
CA TRP A 157 7.40 -0.74 -4.84
C TRP A 157 5.98 -0.61 -5.37
N TRP A 158 5.66 0.56 -5.90
CA TRP A 158 4.33 0.81 -6.45
C TRP A 158 4.40 1.38 -7.84
N VAL A 159 3.92 0.60 -8.81
CA VAL A 159 3.92 1.00 -10.20
C VAL A 159 2.50 1.39 -10.59
N ASN A 160 2.31 2.62 -11.02
CA ASN A 160 0.98 3.10 -11.40
C ASN A 160 -0.09 2.90 -10.31
N GLY A 161 0.32 2.93 -9.05
CA GLY A 161 -0.64 2.77 -7.98
C GLY A 161 -0.76 1.41 -7.33
N LYS A 162 -0.36 0.36 -8.03
CA LYS A 162 -0.46 -0.99 -7.48
C LYS A 162 0.91 -1.48 -7.01
N GLU A 163 0.93 -2.19 -5.90
CA GLU A 163 2.19 -2.72 -5.39
C GLU A 163 2.59 -3.85 -6.33
N VAL A 164 3.88 -3.91 -6.68
CA VAL A 164 4.39 -4.96 -7.57
C VAL A 164 5.39 -5.82 -6.81
N HIS A 165 5.59 -7.04 -7.29
CA HIS A 165 6.53 -7.97 -6.67
C HIS A 165 7.56 -8.51 -7.64
N SER A 166 7.12 -8.76 -8.87
CA SER A 166 8.05 -9.28 -9.87
C SER A 166 8.97 -8.14 -10.36
N GLY A 167 10.25 -8.44 -10.46
CA GLY A 167 11.20 -7.44 -10.91
C GLY A 167 11.77 -6.71 -9.72
N VAL A 168 11.41 -7.15 -8.52
CA VAL A 168 11.88 -6.52 -7.32
C VAL A 168 12.91 -7.35 -6.57
N SER A 169 14.06 -6.74 -6.34
CA SER A 169 15.15 -7.36 -5.59
C SER A 169 15.50 -6.40 -4.46
N THR A 170 15.19 -6.79 -3.24
CA THR A 170 15.49 -5.97 -2.08
C THR A 170 16.49 -6.72 -1.20
N ASP A 171 17.35 -5.98 -0.51
CA ASP A 171 18.31 -6.61 0.38
C ASP A 171 17.55 -7.43 1.41
N PRO A 172 18.14 -8.54 1.88
CA PRO A 172 17.44 -9.36 2.88
C PRO A 172 17.30 -8.60 4.20
N GLN A 173 18.28 -7.77 4.50
CA GLN A 173 18.26 -7.00 5.73
C GLN A 173 18.99 -5.69 5.68
N PRO A 174 18.54 -4.70 6.48
CA PRO A 174 19.21 -3.41 6.50
C PRO A 174 20.60 -3.62 7.06
N LEU A 175 21.56 -2.84 6.60
CA LEU A 175 22.95 -2.94 7.07
C LEU A 175 23.38 -1.65 7.73
N LYS A 176 24.21 -1.77 8.76
CA LYS A 176 24.71 -0.59 9.46
C LYS A 176 25.54 0.22 8.48
N GLU A 177 25.33 1.53 8.45
CA GLU A 177 26.08 2.39 7.54
C GLU A 177 27.56 2.42 7.93
N GLN A 178 27.83 1.99 9.17
CA GLN A 178 29.18 1.95 9.72
C GLN A 178 29.24 0.83 10.77
N PRO A 179 29.41 -0.42 10.33
CA PRO A 179 29.48 -1.56 11.25
C PRO A 179 30.43 -1.27 12.41
N ALA A 180 31.46 -0.48 12.11
CA ALA A 180 32.47 -0.09 13.09
C ALA A 180 31.80 0.52 14.34
N LEU A 181 31.25 1.72 14.19
CA LEU A 181 30.58 2.41 15.29
C LEU A 181 29.34 1.64 15.74
N ASN A 182 28.97 1.76 17.01
CA ASN A 182 27.80 1.06 17.51
C ASN A 182 26.52 1.87 17.26
N ASP A 183 26.54 3.14 17.65
CA ASP A 183 25.37 4.00 17.42
C ASP A 183 25.33 4.41 15.94
N SER A 184 25.43 3.39 15.09
CA SER A 184 25.42 3.56 13.65
C SER A 184 24.01 3.36 13.11
N ARG A 185 23.63 4.23 12.18
CA ARG A 185 22.32 4.14 11.58
C ARG A 185 22.35 3.09 10.48
N TYR A 186 21.17 2.67 10.04
CA TYR A 186 21.07 1.65 9.01
C TYR A 186 20.71 2.22 7.65
N CYS A 187 20.93 1.41 6.63
CA CYS A 187 20.59 1.78 5.26
C CYS A 187 20.09 0.51 4.58
N LEU A 188 19.30 0.67 3.54
CA LEU A 188 18.74 -0.47 2.81
C LEU A 188 18.56 -0.06 1.37
N SER A 189 18.71 -1.03 0.46
CA SER A 189 18.52 -0.70 -0.95
C SER A 189 17.68 -1.76 -1.64
N SER A 190 17.11 -1.39 -2.78
CA SER A 190 16.25 -2.29 -3.52
C SER A 190 16.24 -1.86 -4.96
N ARG A 191 16.03 -2.82 -5.84
CA ARG A 191 15.98 -2.54 -7.25
C ARG A 191 14.69 -3.06 -7.86
N LEU A 192 14.12 -2.27 -8.76
CA LEU A 192 12.90 -2.63 -9.47
C LEU A 192 13.29 -2.61 -10.95
N ARG A 193 13.04 -3.71 -11.64
CA ARG A 193 13.38 -3.77 -13.06
C ARG A 193 12.16 -3.92 -13.95
N VAL A 194 12.03 -3.02 -14.91
CA VAL A 194 10.90 -3.02 -15.83
C VAL A 194 11.41 -2.95 -17.27
N SER A 195 10.52 -3.19 -18.23
CA SER A 195 10.93 -3.13 -19.62
C SER A 195 11.29 -1.68 -19.97
N ALA A 196 12.18 -1.51 -20.95
CA ALA A 196 12.61 -0.18 -21.37
C ALA A 196 11.44 0.65 -21.90
N THR A 197 10.58 0.03 -22.70
CA THR A 197 9.45 0.75 -23.26
C THR A 197 8.46 1.15 -22.18
N PHE A 198 8.40 0.35 -21.12
CA PHE A 198 7.51 0.66 -20.03
C PHE A 198 8.06 1.88 -19.30
N TRP A 199 9.39 1.94 -19.13
CA TRP A 199 10.00 3.06 -18.44
C TRP A 199 10.01 4.33 -19.28
N GLN A 200 9.90 4.18 -20.60
CA GLN A 200 9.93 5.37 -21.45
C GLN A 200 8.59 6.05 -21.67
N ASN A 201 7.52 5.49 -21.12
CA ASN A 201 6.20 6.12 -21.24
C ASN A 201 6.12 7.11 -20.07
N PRO A 202 6.04 8.40 -20.37
CA PRO A 202 5.97 9.49 -19.39
C PRO A 202 4.76 9.40 -18.45
N ARG A 203 3.77 8.62 -18.82
CA ARG A 203 2.56 8.45 -18.02
C ARG A 203 2.70 7.34 -17.00
N ASN A 204 3.83 6.66 -16.99
CA ASN A 204 4.01 5.59 -16.01
C ASN A 204 4.67 6.16 -14.76
N HIS A 205 4.12 5.77 -13.61
CA HIS A 205 4.58 6.28 -12.33
C HIS A 205 5.28 5.19 -11.51
N PHE A 206 6.34 5.55 -10.79
CA PHE A 206 7.09 4.58 -10.00
C PHE A 206 7.36 5.15 -8.63
N ARG A 207 7.04 4.38 -7.59
CA ARG A 207 7.25 4.85 -6.23
C ARG A 207 7.84 3.82 -5.30
N CYS A 208 8.86 4.24 -4.58
CA CYS A 208 9.50 3.38 -3.62
C CYS A 208 8.92 3.82 -2.27
N GLN A 209 8.38 2.86 -1.53
CA GLN A 209 7.78 3.18 -0.25
C GLN A 209 8.44 2.44 0.89
N VAL A 210 8.75 3.17 1.94
CA VAL A 210 9.37 2.58 3.12
C VAL A 210 8.51 2.86 4.35
N GLN A 211 8.00 1.79 4.95
CA GLN A 211 7.21 1.95 6.16
C GLN A 211 8.19 1.90 7.31
N PHE A 212 8.19 2.93 8.14
CA PHE A 212 9.07 2.98 9.29
C PHE A 212 8.21 2.78 10.53
N TYR A 213 8.61 1.82 11.35
CA TYR A 213 7.90 1.55 12.59
C TYR A 213 8.66 2.29 13.69
N GLY A 214 8.16 3.47 14.05
CA GLY A 214 8.84 4.25 15.06
C GLY A 214 8.06 4.47 16.33
N LEU A 215 8.23 5.65 16.91
CA LEU A 215 7.56 6.02 18.15
C LEU A 215 6.06 6.19 17.98
N SER A 216 5.34 5.91 19.06
CA SER A 216 3.89 6.03 19.09
C SER A 216 3.49 7.46 19.45
N GLU A 217 2.22 7.77 19.30
CA GLU A 217 1.75 9.11 19.63
C GLU A 217 1.93 9.41 21.12
N ASN A 218 1.63 8.44 21.97
CA ASN A 218 1.76 8.63 23.41
C ASN A 218 3.22 8.71 23.88
N ASP A 219 4.08 7.85 23.34
CA ASP A 219 5.50 7.87 23.71
C ASP A 219 5.97 9.34 23.73
N GLU A 220 6.58 9.76 24.84
CA GLU A 220 7.05 11.13 24.99
C GLU A 220 8.32 11.47 24.26
N TRP A 221 8.31 12.62 23.60
CA TRP A 221 9.47 13.08 22.85
C TRP A 221 10.17 14.24 23.56
N THR A 222 11.39 13.97 24.04
CA THR A 222 12.19 14.96 24.76
C THR A 222 12.97 15.93 23.84
N GLN A 223 13.66 15.37 22.84
CA GLN A 223 14.48 16.14 21.91
C GLN A 223 13.78 17.34 21.26
N ASP A 224 14.51 18.01 20.37
CA ASP A 224 14.01 19.18 19.66
C ASP A 224 13.45 18.86 18.28
N ARG A 225 14.16 18.01 17.54
CA ARG A 225 13.75 17.60 16.19
C ARG A 225 12.39 16.90 16.24
N ALA A 226 11.72 16.83 15.10
CA ALA A 226 10.41 16.17 15.00
C ALA A 226 10.54 14.73 15.53
N LYS A 227 9.56 14.27 16.31
CA LYS A 227 9.64 12.92 16.84
C LYS A 227 9.54 11.84 15.78
N PRO A 228 10.41 10.84 15.84
CA PRO A 228 10.50 9.70 14.92
C PRO A 228 9.34 8.73 15.10
N VAL A 229 8.13 9.19 14.80
CA VAL A 229 6.94 8.33 14.92
C VAL A 229 6.81 7.40 13.72
N THR A 230 5.95 6.41 13.85
CA THR A 230 5.69 5.51 12.75
C THR A 230 5.27 6.38 11.58
N GLN A 231 5.79 6.10 10.40
CA GLN A 231 5.45 6.91 9.25
C GLN A 231 5.88 6.25 7.95
N ILE A 232 5.49 6.88 6.85
CA ILE A 232 5.83 6.39 5.54
C ILE A 232 6.68 7.43 4.79
N VAL A 233 7.85 7.00 4.30
CA VAL A 233 8.73 7.89 3.54
C VAL A 233 8.84 7.33 2.11
N SER A 234 8.50 8.16 1.13
CA SER A 234 8.54 7.73 -0.27
C SER A 234 9.38 8.58 -1.20
N ALA A 235 9.74 7.99 -2.32
CA ALA A 235 10.50 8.65 -3.36
C ALA A 235 9.84 8.14 -4.64
N GLU A 236 9.56 9.02 -5.59
CA GLU A 236 8.91 8.60 -6.81
C GLU A 236 9.58 9.14 -8.07
N ALA A 237 9.22 8.54 -9.20
CA ALA A 237 9.78 8.95 -10.48
C ALA A 237 8.83 8.57 -11.59
N TRP A 238 8.71 9.43 -12.59
CA TRP A 238 7.85 9.17 -13.73
C TRP A 238 8.71 8.65 -14.88
N GLY A 239 8.07 7.99 -15.84
CA GLY A 239 8.79 7.47 -16.98
C GLY A 239 9.44 8.61 -17.75
N ARG A 240 10.63 8.34 -18.26
CA ARG A 240 11.38 9.33 -19.01
C ARG A 240 11.60 8.86 -20.45
N ALA A 241 10.91 9.49 -21.39
CA ALA A 241 11.06 9.13 -22.79
C ALA A 241 12.43 9.64 -23.20
N ASP A 242 13.19 8.83 -23.94
CA ASP A 242 14.53 9.25 -24.37
C ASP A 242 14.51 10.44 -25.32
N ASP B 1 0.39 -12.73 -10.05
CA ASP B 1 1.46 -13.70 -10.43
C ASP B 1 1.40 -14.08 -11.92
N GLY B 2 1.95 -13.21 -12.76
CA GLY B 2 1.94 -13.43 -14.19
C GLY B 2 0.64 -12.88 -14.73
N GLY B 3 0.64 -11.62 -15.16
CA GLY B 3 -0.58 -11.01 -15.67
C GLY B 3 -0.39 -9.82 -16.57
N ILE B 4 -1.40 -8.95 -16.60
CA ILE B 4 -1.37 -7.77 -17.42
C ILE B 4 -1.14 -6.50 -16.61
N THR B 5 -0.30 -5.63 -17.15
CA THR B 5 0.00 -4.37 -16.50
C THR B 5 -0.29 -3.28 -17.50
N GLN B 6 -1.21 -2.40 -17.17
CA GLN B 6 -1.49 -1.31 -18.08
C GLN B 6 -1.30 0.00 -17.34
N SER B 7 -1.62 1.08 -18.04
CA SER B 7 -1.50 2.43 -17.48
C SER B 7 -2.25 2.55 -16.15
N PRO B 8 -1.99 3.61 -15.39
CA PRO B 8 -2.68 3.79 -14.10
C PRO B 8 -4.21 3.82 -14.23
N LYS B 9 -4.90 3.54 -13.13
CA LYS B 9 -6.37 3.51 -13.10
C LYS B 9 -7.06 4.79 -13.64
N TYR B 10 -6.42 5.94 -13.46
CA TYR B 10 -6.97 7.23 -13.93
C TYR B 10 -5.88 8.04 -14.62
N LEU B 11 -6.25 8.72 -15.69
CA LEU B 11 -5.31 9.57 -16.44
C LEU B 11 -5.98 10.83 -16.96
N PHE B 12 -5.17 11.84 -17.21
CA PHE B 12 -5.62 13.11 -17.75
C PHE B 12 -5.20 13.24 -19.20
N ARG B 13 -6.07 13.85 -19.98
CA ARG B 13 -5.81 14.12 -21.39
C ARG B 13 -6.38 15.50 -21.66
N LYS B 14 -5.50 16.46 -21.96
CA LYS B 14 -5.95 17.82 -22.27
C LYS B 14 -6.44 17.85 -23.72
N GLU B 15 -7.39 18.74 -24.01
CA GLU B 15 -7.92 18.84 -25.37
C GLU B 15 -6.79 19.01 -26.39
N GLY B 16 -6.78 18.13 -27.39
CA GLY B 16 -5.74 18.19 -28.41
C GLY B 16 -4.37 17.80 -27.89
N GLN B 17 -4.32 16.71 -27.13
CA GLN B 17 -3.07 16.21 -26.58
C GLN B 17 -2.92 14.73 -26.89
N ASN B 18 -1.70 14.30 -27.16
CA ASN B 18 -1.45 12.89 -27.46
C ASN B 18 -1.03 12.15 -26.19
N VAL B 19 -1.74 11.06 -25.90
CA VAL B 19 -1.47 10.24 -24.72
C VAL B 19 -1.32 8.76 -25.08
N THR B 20 -0.35 8.10 -24.47
CA THR B 20 -0.15 6.68 -24.73
C THR B 20 -0.42 5.83 -23.50
N LEU B 21 -1.23 4.80 -23.65
CA LEU B 21 -1.54 3.91 -22.54
C LEU B 21 -0.76 2.63 -22.72
N SER B 22 0.08 2.31 -21.75
CA SER B 22 0.90 1.09 -21.79
C SER B 22 0.05 -0.13 -21.54
N CYS B 23 0.54 -1.26 -22.02
CA CYS B 23 -0.10 -2.54 -21.77
C CYS B 23 0.92 -3.63 -22.01
N GLU B 24 1.27 -4.33 -20.96
CA GLU B 24 2.26 -5.38 -21.05
C GLU B 24 1.84 -6.63 -20.34
N GLN B 25 2.23 -7.77 -20.90
CA GLN B 25 1.90 -9.02 -20.28
C GLN B 25 3.06 -9.99 -20.41
N ASN B 26 3.22 -10.82 -19.39
CA ASN B 26 4.28 -11.83 -19.33
C ASN B 26 3.61 -13.19 -19.32
N LEU B 27 2.69 -13.40 -20.25
CA LEU B 27 1.98 -14.67 -20.35
C LEU B 27 2.35 -15.28 -21.70
N ASN B 28 3.20 -14.56 -22.42
CA ASN B 28 3.65 -15.01 -23.72
C ASN B 28 2.48 -15.25 -24.67
N HIS B 29 1.46 -14.41 -24.56
CA HIS B 29 0.28 -14.52 -25.42
C HIS B 29 0.63 -13.79 -26.70
N ASP B 30 0.18 -14.33 -27.83
CA ASP B 30 0.47 -13.70 -29.11
C ASP B 30 -0.49 -12.56 -29.41
N ALA B 31 -1.76 -12.76 -29.09
CA ALA B 31 -2.78 -11.75 -29.35
C ALA B 31 -3.08 -10.80 -28.19
N MET B 32 -3.16 -9.52 -28.51
CA MET B 32 -3.47 -8.52 -27.51
C MET B 32 -4.59 -7.62 -28.06
N TYR B 33 -5.39 -7.07 -27.15
CA TYR B 33 -6.52 -6.24 -27.53
C TYR B 33 -6.67 -4.98 -26.71
N TRP B 34 -7.39 -4.01 -27.26
CA TRP B 34 -7.69 -2.78 -26.55
C TRP B 34 -9.15 -2.52 -26.75
N TYR B 35 -9.87 -2.33 -25.65
CA TYR B 35 -11.29 -2.03 -25.71
C TYR B 35 -11.58 -0.65 -25.13
N ARG B 36 -12.72 -0.09 -25.53
CA ARG B 36 -13.17 1.17 -24.99
C ARG B 36 -14.58 0.87 -24.52
N GLN B 37 -14.90 1.31 -23.30
CA GLN B 37 -16.22 1.08 -22.74
C GLN B 37 -17.11 2.27 -22.97
N ASP B 38 -18.04 2.11 -23.90
CA ASP B 38 -18.98 3.17 -24.20
C ASP B 38 -20.32 2.82 -23.55
N PRO B 39 -20.76 3.67 -22.59
CA PRO B 39 -22.03 3.49 -21.87
C PRO B 39 -23.13 2.83 -22.71
N GLY B 40 -23.11 3.10 -24.00
CA GLY B 40 -24.10 2.53 -24.89
C GLY B 40 -24.04 1.02 -25.06
N GLN B 41 -22.95 0.53 -25.66
CA GLN B 41 -22.81 -0.89 -25.94
C GLN B 41 -21.73 -1.63 -25.14
N GLY B 42 -21.39 -1.12 -23.96
CA GLY B 42 -20.37 -1.78 -23.17
C GLY B 42 -19.01 -1.80 -23.87
N LEU B 43 -18.25 -2.88 -23.71
CA LEU B 43 -16.93 -2.99 -24.33
C LEU B 43 -16.95 -3.12 -25.84
N ARG B 44 -16.16 -2.29 -26.51
CA ARG B 44 -16.04 -2.29 -27.95
C ARG B 44 -14.56 -2.31 -28.34
N LEU B 45 -14.20 -3.20 -29.24
CA LEU B 45 -12.82 -3.36 -29.70
C LEU B 45 -12.27 -2.17 -30.49
N ILE B 46 -11.15 -1.61 -30.03
CA ILE B 46 -10.51 -0.48 -30.70
C ILE B 46 -9.47 -1.02 -31.70
N TYR B 47 -8.50 -1.76 -31.18
CA TYR B 47 -7.44 -2.36 -31.99
C TYR B 47 -7.18 -3.79 -31.52
N TYR B 48 -6.61 -4.58 -32.41
CA TYR B 48 -6.32 -5.98 -32.13
C TYR B 48 -5.03 -6.40 -32.84
N SER B 49 -4.21 -7.19 -32.15
CA SER B 49 -2.92 -7.63 -32.69
C SER B 49 -2.75 -9.14 -32.50
N GLN B 50 -2.67 -9.87 -33.61
CA GLN B 50 -2.56 -11.33 -33.58
C GLN B 50 -1.16 -11.85 -33.31
N ILE B 51 -0.16 -11.13 -33.80
CA ILE B 51 1.24 -11.50 -33.58
C ILE B 51 2.09 -10.25 -33.76
N VAL B 52 3.34 -10.34 -33.36
CA VAL B 52 4.27 -9.23 -33.46
C VAL B 52 4.18 -8.47 -34.79
N ASN B 53 4.16 -7.14 -34.67
CA ASN B 53 4.11 -6.24 -35.81
C ASN B 53 2.83 -6.21 -36.63
N ASP B 54 1.77 -6.84 -36.13
CA ASP B 54 0.51 -6.82 -36.87
C ASP B 54 -0.64 -6.31 -36.01
N PHE B 55 -1.44 -5.42 -36.57
CA PHE B 55 -2.59 -4.87 -35.86
C PHE B 55 -3.78 -4.55 -36.76
N GLN B 56 -4.94 -5.11 -36.42
CA GLN B 56 -6.17 -4.92 -37.17
C GLN B 56 -7.04 -3.87 -36.50
N LYS B 57 -7.49 -2.88 -37.26
CA LYS B 57 -8.36 -1.83 -36.73
C LYS B 57 -9.69 -2.43 -36.27
N GLY B 58 -10.34 -1.73 -35.35
CA GLY B 58 -11.64 -2.15 -34.86
C GLY B 58 -12.60 -1.17 -35.50
N ASP B 59 -13.86 -1.17 -35.07
CA ASP B 59 -14.83 -0.24 -35.66
C ASP B 59 -14.68 1.20 -35.17
N ILE B 60 -14.17 1.36 -33.96
CA ILE B 60 -13.99 2.68 -33.39
C ILE B 60 -12.52 3.14 -33.40
N ALA B 61 -11.70 2.46 -34.17
CA ALA B 61 -10.27 2.77 -34.27
C ALA B 61 -9.94 4.19 -34.74
N GLU B 62 -10.97 4.99 -34.98
CA GLU B 62 -10.77 6.36 -35.42
C GLU B 62 -10.18 7.26 -34.36
N GLY B 63 -8.93 7.67 -34.56
CA GLY B 63 -8.28 8.55 -33.61
C GLY B 63 -7.22 7.88 -32.75
N TYR B 64 -7.11 6.56 -32.87
CA TYR B 64 -6.12 5.82 -32.09
C TYR B 64 -5.07 5.19 -32.99
N SER B 65 -3.93 4.88 -32.39
CA SER B 65 -2.84 4.21 -33.09
C SER B 65 -2.18 3.22 -32.13
N VAL B 66 -1.68 2.12 -32.67
CA VAL B 66 -1.04 1.11 -31.84
C VAL B 66 0.19 0.58 -32.55
N SER B 67 1.09 -0.04 -31.78
CA SER B 67 2.31 -0.60 -32.34
C SER B 67 2.47 -1.94 -31.66
N ARG B 68 3.22 -2.85 -32.27
CA ARG B 68 3.44 -4.16 -31.67
C ARG B 68 4.87 -4.63 -31.91
N GLU B 69 5.83 -3.75 -31.60
CA GLU B 69 7.26 -4.05 -31.76
C GLU B 69 7.68 -5.36 -31.09
N LYS B 70 7.18 -5.59 -29.88
CA LYS B 70 7.50 -6.81 -29.16
C LYS B 70 6.24 -7.56 -28.75
N LYS B 71 6.39 -8.86 -28.51
CA LYS B 71 5.27 -9.70 -28.12
C LYS B 71 4.60 -9.31 -26.81
N GLU B 72 5.40 -8.84 -25.86
CA GLU B 72 4.93 -8.46 -24.52
C GLU B 72 4.15 -7.15 -24.41
N SER B 73 4.42 -6.21 -25.31
CA SER B 73 3.77 -4.91 -25.25
C SER B 73 2.89 -4.48 -26.42
N PHE B 74 1.76 -3.86 -26.09
CA PHE B 74 0.81 -3.38 -27.09
C PHE B 74 0.32 -1.99 -26.65
N PRO B 75 1.16 -0.96 -26.85
CA PRO B 75 0.80 0.41 -26.48
C PRO B 75 -0.29 1.07 -27.31
N LEU B 76 -1.29 1.63 -26.63
CA LEU B 76 -2.38 2.34 -27.31
C LEU B 76 -2.18 3.84 -27.20
N THR B 77 -2.18 4.53 -28.34
CA THR B 77 -2.01 5.96 -28.34
C THR B 77 -3.29 6.67 -28.69
N VAL B 78 -3.71 7.56 -27.81
CA VAL B 78 -4.90 8.34 -28.04
C VAL B 78 -4.38 9.67 -28.59
N THR B 79 -4.56 9.86 -29.90
CA THR B 79 -4.09 11.08 -30.57
C THR B 79 -5.01 12.26 -30.30
N SER B 80 -4.47 13.46 -30.47
CA SER B 80 -5.24 14.69 -30.26
C SER B 80 -6.49 14.69 -31.13
N ALA B 81 -6.42 13.95 -32.23
CA ALA B 81 -7.56 13.84 -33.14
C ALA B 81 -8.76 13.18 -32.46
N GLN B 82 -8.48 12.38 -31.43
CA GLN B 82 -9.54 11.68 -30.68
C GLN B 82 -10.46 12.70 -30.02
N LYS B 83 -11.74 12.65 -30.40
CA LYS B 83 -12.71 13.59 -29.87
C LYS B 83 -13.58 13.01 -28.77
N ASN B 84 -13.14 11.92 -28.15
CA ASN B 84 -13.95 11.34 -27.09
C ASN B 84 -13.77 12.08 -25.78
N PRO B 85 -14.87 12.32 -25.07
CA PRO B 85 -15.02 13.02 -23.78
C PRO B 85 -14.31 12.43 -22.58
N THR B 86 -14.45 11.12 -22.40
CA THR B 86 -13.86 10.42 -21.28
C THR B 86 -14.33 9.00 -21.44
N ALA B 87 -13.43 8.04 -21.22
CA ALA B 87 -13.83 6.66 -21.37
C ALA B 87 -12.94 5.71 -20.62
N PHE B 88 -13.41 4.48 -20.54
CA PHE B 88 -12.69 3.43 -19.86
C PHE B 88 -11.98 2.59 -20.92
N TYR B 89 -10.66 2.44 -20.78
CA TYR B 89 -9.93 1.64 -21.74
C TYR B 89 -9.44 0.38 -21.07
N LEU B 90 -9.75 -0.75 -21.68
CA LEU B 90 -9.37 -2.03 -21.12
C LEU B 90 -8.48 -2.79 -22.09
N CYS B 91 -7.40 -3.34 -21.56
CA CYS B 91 -6.46 -4.11 -22.38
C CYS B 91 -6.63 -5.61 -22.11
N ALA B 92 -6.39 -6.44 -23.12
CA ALA B 92 -6.52 -7.89 -22.96
C ALA B 92 -5.55 -8.67 -23.84
N SER B 93 -5.26 -9.90 -23.45
CA SER B 93 -4.35 -10.76 -24.21
C SER B 93 -4.91 -12.17 -24.27
N ARG B 94 -4.50 -12.90 -25.31
CA ARG B 94 -4.98 -14.25 -25.52
C ARG B 94 -3.98 -14.99 -26.39
N ASP B 95 -4.24 -16.28 -26.60
CA ASP B 95 -3.39 -17.11 -27.44
C ASP B 95 -3.67 -16.78 -28.90
N ARG B 96 -4.93 -16.93 -29.29
CA ARG B 96 -5.39 -16.64 -30.67
C ARG B 96 -6.76 -17.25 -30.97
N GLY B 97 -7.19 -17.14 -32.22
CA GLY B 97 -8.48 -17.69 -32.60
C GLY B 97 -9.57 -17.15 -31.71
N THR B 98 -10.23 -18.04 -30.97
CA THR B 98 -11.28 -17.61 -30.05
C THR B 98 -11.00 -18.25 -28.68
N GLU B 99 -9.75 -18.15 -28.25
CA GLU B 99 -9.31 -18.68 -26.96
C GLU B 99 -9.75 -17.71 -25.86
N LYS B 100 -9.44 -18.05 -24.62
CA LYS B 100 -9.83 -17.19 -23.50
C LYS B 100 -8.99 -15.92 -23.42
N LEU B 101 -9.67 -14.79 -23.21
CA LEU B 101 -9.00 -13.49 -23.09
C LEU B 101 -8.77 -13.16 -21.61
N PHE B 102 -7.62 -12.57 -21.31
CA PHE B 102 -7.27 -12.16 -19.95
C PHE B 102 -7.28 -10.65 -19.94
N PHE B 103 -7.95 -10.06 -18.95
CA PHE B 103 -8.08 -8.62 -18.89
C PHE B 103 -7.24 -7.83 -17.90
N GLY B 104 -6.80 -6.67 -18.35
CA GLY B 104 -6.01 -5.78 -17.51
C GLY B 104 -6.96 -5.15 -16.52
N SER B 105 -6.43 -4.35 -15.62
CA SER B 105 -7.25 -3.72 -14.60
C SER B 105 -8.12 -2.58 -15.11
N GLY B 106 -7.82 -2.08 -16.31
CA GLY B 106 -8.61 -0.99 -16.87
C GLY B 106 -8.10 0.38 -16.52
N THR B 107 -8.44 1.36 -17.36
CA THR B 107 -8.02 2.75 -17.16
C THR B 107 -9.08 3.73 -17.62
N GLN B 108 -9.36 4.74 -16.81
CA GLN B 108 -10.33 5.77 -17.17
C GLN B 108 -9.50 6.95 -17.68
N LEU B 109 -9.77 7.39 -18.90
CA LEU B 109 -9.04 8.53 -19.45
C LEU B 109 -10.00 9.71 -19.44
N SER B 110 -9.76 10.65 -18.53
CA SER B 110 -10.62 11.84 -18.43
C SER B 110 -10.05 12.97 -19.25
N VAL B 111 -10.90 13.58 -20.08
CA VAL B 111 -10.50 14.70 -20.92
C VAL B 111 -10.97 16.02 -20.32
N LEU B 112 -10.05 16.96 -20.17
CA LEU B 112 -10.39 18.27 -19.62
C LEU B 112 -9.25 19.26 -19.90
N GLU B 113 -9.55 20.56 -19.90
CA GLU B 113 -8.51 21.56 -20.17
C GLU B 113 -8.13 22.48 -19.02
N ASP B 114 -9.11 22.81 -18.19
CA ASP B 114 -8.85 23.68 -17.05
C ASP B 114 -7.98 22.99 -16.00
N LEU B 115 -6.74 22.69 -16.36
CA LEU B 115 -5.83 22.05 -15.41
C LEU B 115 -5.69 22.97 -14.19
N ASN B 116 -6.43 24.07 -14.25
CA ASN B 116 -6.46 25.09 -13.18
C ASN B 116 -7.17 24.52 -11.96
N LYS B 117 -8.20 23.72 -12.20
CA LYS B 117 -8.99 23.13 -11.13
C LYS B 117 -8.54 21.75 -10.63
N VAL B 118 -7.47 21.21 -11.21
CA VAL B 118 -6.97 19.92 -10.73
C VAL B 118 -6.44 20.14 -9.30
N PHE B 119 -6.95 19.35 -8.37
CA PHE B 119 -6.57 19.47 -6.97
C PHE B 119 -6.43 18.15 -6.24
N PRO B 120 -5.34 17.98 -5.46
CA PRO B 120 -5.17 16.72 -4.73
C PRO B 120 -6.18 16.75 -3.57
N PRO B 121 -6.41 15.61 -2.92
CA PRO B 121 -7.37 15.71 -1.82
C PRO B 121 -6.74 15.98 -0.47
N GLU B 122 -7.59 16.41 0.47
CA GLU B 122 -7.16 16.62 1.84
C GLU B 122 -7.80 15.43 2.52
N VAL B 123 -7.08 14.84 3.47
CA VAL B 123 -7.59 13.64 4.13
C VAL B 123 -7.60 13.80 5.64
N ALA B 124 -8.68 13.35 6.26
CA ALA B 124 -8.82 13.43 7.72
C ALA B 124 -9.46 12.18 8.28
N VAL B 125 -9.07 11.83 9.51
CA VAL B 125 -9.63 10.65 10.17
C VAL B 125 -10.26 11.05 11.49
N PHE B 126 -11.49 10.58 11.73
CA PHE B 126 -12.21 10.90 12.96
C PHE B 126 -12.39 9.66 13.80
N GLU B 127 -12.00 9.78 15.07
CA GLU B 127 -12.08 8.67 16.02
C GLU B 127 -13.50 8.26 16.37
N PRO B 128 -13.66 7.02 16.86
CA PRO B 128 -15.00 6.53 17.24
C PRO B 128 -15.44 7.27 18.50
N SER B 129 -16.74 7.41 18.67
CA SER B 129 -17.28 8.11 19.84
C SER B 129 -17.28 7.17 21.06
N GLU B 130 -17.03 7.72 22.24
CA GLU B 130 -17.02 6.92 23.46
C GLU B 130 -18.37 6.26 23.66
N ALA B 131 -19.37 6.81 23.00
CA ALA B 131 -20.72 6.28 23.09
C ALA B 131 -20.86 5.00 22.28
N GLU B 132 -20.25 4.94 21.11
CA GLU B 132 -20.34 3.75 20.26
C GLU B 132 -19.56 2.60 20.92
N ILE B 133 -18.41 2.95 21.47
CA ILE B 133 -17.54 2.00 22.12
C ILE B 133 -18.25 1.24 23.24
N SER B 134 -18.82 1.98 24.18
CA SER B 134 -19.51 1.36 25.30
C SER B 134 -20.99 1.15 25.07
N HIS B 135 -21.37 0.68 23.88
CA HIS B 135 -22.77 0.42 23.56
C HIS B 135 -22.78 -0.73 22.58
N THR B 136 -21.89 -0.67 21.60
CA THR B 136 -21.78 -1.70 20.58
C THR B 136 -20.51 -2.50 20.78
N GLN B 137 -19.62 -1.98 21.62
CA GLN B 137 -18.33 -2.61 21.88
C GLN B 137 -17.50 -2.68 20.59
N LYS B 138 -17.90 -1.85 19.63
CA LYS B 138 -17.21 -1.76 18.34
C LYS B 138 -16.71 -0.34 18.21
N ALA B 139 -15.75 -0.11 17.33
CA ALA B 139 -15.18 1.22 17.14
C ALA B 139 -15.15 1.53 15.66
N THR B 140 -15.64 2.70 15.28
CA THR B 140 -15.66 3.07 13.88
C THR B 140 -14.87 4.32 13.59
N LEU B 141 -13.86 4.16 12.75
CA LEU B 141 -13.00 5.25 12.33
C LEU B 141 -13.55 5.76 11.01
N VAL B 142 -13.64 7.07 10.86
CA VAL B 142 -14.17 7.65 9.64
C VAL B 142 -13.07 8.39 8.91
N CYS B 143 -13.06 8.25 7.59
CA CYS B 143 -12.08 8.94 6.78
C CYS B 143 -12.77 9.80 5.75
N LEU B 144 -12.38 11.07 5.73
CA LEU B 144 -12.94 12.01 4.78
C LEU B 144 -11.88 12.53 3.83
N ALA B 145 -12.10 12.27 2.55
CA ALA B 145 -11.21 12.74 1.49
C ALA B 145 -11.99 13.91 0.89
N THR B 146 -11.40 15.10 0.92
CA THR B 146 -12.13 16.26 0.41
C THR B 146 -11.40 17.22 -0.52
N GLY B 147 -12.20 17.98 -1.27
CA GLY B 147 -11.69 18.98 -2.20
C GLY B 147 -10.69 18.55 -3.24
N PHE B 148 -11.01 17.49 -3.98
CA PHE B 148 -10.09 17.03 -5.02
C PHE B 148 -10.77 17.03 -6.38
N TYR B 149 -9.96 17.15 -7.42
CA TYR B 149 -10.49 17.16 -8.77
C TYR B 149 -9.42 16.80 -9.77
N PRO B 150 -9.73 15.91 -10.72
CA PRO B 150 -11.05 15.27 -10.82
C PRO B 150 -11.15 14.10 -9.86
N ASP B 151 -12.14 13.24 -10.05
CA ASP B 151 -12.34 12.10 -9.17
C ASP B 151 -11.35 10.97 -9.43
N HIS B 152 -10.07 11.26 -9.25
CA HIS B 152 -9.00 10.29 -9.49
C HIS B 152 -8.35 9.80 -8.21
N VAL B 153 -9.10 9.04 -7.41
CA VAL B 153 -8.57 8.55 -6.16
C VAL B 153 -8.94 7.12 -5.82
N GLU B 154 -8.13 6.52 -4.97
CA GLU B 154 -8.32 5.17 -4.46
C GLU B 154 -8.05 5.27 -2.98
N LEU B 155 -9.00 4.86 -2.16
CA LEU B 155 -8.83 4.91 -0.72
C LEU B 155 -8.60 3.51 -0.16
N SER B 156 -7.75 3.41 0.86
CA SER B 156 -7.50 2.11 1.47
C SER B 156 -7.13 2.35 2.92
N TRP B 157 -7.27 1.32 3.75
CA TRP B 157 -6.96 1.44 5.17
C TRP B 157 -5.79 0.57 5.57
N TRP B 158 -4.97 1.08 6.48
CA TRP B 158 -3.80 0.34 6.94
C TRP B 158 -3.76 0.26 8.47
N VAL B 159 -3.91 -0.95 8.98
CA VAL B 159 -3.91 -1.21 10.41
C VAL B 159 -2.57 -1.84 10.77
N ASN B 160 -1.80 -1.17 11.63
CA ASN B 160 -0.49 -1.69 12.04
C ASN B 160 0.43 -1.99 10.86
N GLY B 161 0.30 -1.24 9.76
CA GLY B 161 1.18 -1.46 8.63
C GLY B 161 0.65 -2.30 7.48
N LYS B 162 -0.35 -3.15 7.74
CA LYS B 162 -0.90 -4.00 6.70
C LYS B 162 -2.23 -3.45 6.22
N GLU B 163 -2.48 -3.51 4.91
CA GLU B 163 -3.75 -3.04 4.37
C GLU B 163 -4.81 -4.03 4.82
N VAL B 164 -5.97 -3.54 5.22
CA VAL B 164 -7.07 -4.38 5.67
C VAL B 164 -8.27 -4.19 4.75
N HIS B 165 -9.14 -5.19 4.69
CA HIS B 165 -10.33 -5.14 3.85
C HIS B 165 -11.61 -5.38 4.62
N SER B 166 -11.56 -6.27 5.60
CA SER B 166 -12.75 -6.54 6.38
C SER B 166 -12.97 -5.41 7.39
N GLY B 167 -14.22 -4.96 7.47
CA GLY B 167 -14.55 -3.87 8.38
C GLY B 167 -14.47 -2.55 7.64
N VAL B 168 -14.26 -2.64 6.33
CA VAL B 168 -14.14 -1.45 5.52
C VAL B 168 -15.32 -1.23 4.63
N SER B 169 -15.92 -0.05 4.75
CA SER B 169 -17.05 0.34 3.93
C SER B 169 -16.70 1.69 3.34
N THR B 170 -16.48 1.71 2.05
CA THR B 170 -16.11 2.96 1.36
C THR B 170 -17.20 3.27 0.34
N ASP B 171 -17.44 4.55 0.09
CA ASP B 171 -18.45 4.94 -0.87
C ASP B 171 -18.09 4.30 -2.22
N PRO B 172 -19.10 3.93 -3.02
CA PRO B 172 -18.78 3.34 -4.32
C PRO B 172 -18.11 4.35 -5.23
N GLN B 173 -18.46 5.63 -5.08
CA GLN B 173 -17.88 6.67 -5.92
C GLN B 173 -17.81 8.03 -5.25
N PRO B 174 -16.82 8.84 -5.65
CA PRO B 174 -16.68 10.19 -5.09
C PRO B 174 -17.89 10.99 -5.54
N LEU B 175 -18.35 11.93 -4.71
CA LEU B 175 -19.50 12.75 -5.05
C LEU B 175 -19.08 14.21 -5.09
N LYS B 176 -19.70 14.98 -5.99
CA LYS B 176 -19.40 16.40 -6.10
C LYS B 176 -19.80 17.06 -4.79
N GLU B 177 -18.94 17.93 -4.26
CA GLU B 177 -19.26 18.61 -3.02
C GLU B 177 -20.41 19.58 -3.22
N GLN B 178 -20.68 19.90 -4.49
CA GLN B 178 -21.76 20.81 -4.87
C GLN B 178 -22.27 20.43 -6.25
N PRO B 179 -23.12 19.40 -6.34
CA PRO B 179 -23.67 18.95 -7.62
C PRO B 179 -24.15 20.11 -8.46
N ALA B 180 -24.62 21.15 -7.78
CA ALA B 180 -25.11 22.37 -8.43
C ALA B 180 -24.06 22.93 -9.38
N LEU B 181 -22.99 23.48 -8.82
CA LEU B 181 -21.92 24.07 -9.63
C LEU B 181 -21.21 22.99 -10.45
N ASN B 182 -20.66 23.39 -11.61
CA ASN B 182 -19.97 22.45 -12.47
C ASN B 182 -18.52 22.26 -12.03
N ASP B 183 -17.80 23.38 -11.86
CA ASP B 183 -16.41 23.32 -11.42
C ASP B 183 -16.38 23.02 -9.91
N SER B 184 -17.11 21.98 -9.54
CA SER B 184 -17.21 21.54 -8.15
C SER B 184 -16.20 20.43 -7.90
N ARG B 185 -15.56 20.49 -6.74
CA ARG B 185 -14.58 19.48 -6.36
C ARG B 185 -15.33 18.29 -5.79
N TYR B 186 -14.62 17.17 -5.65
CA TYR B 186 -15.22 15.96 -5.15
C TYR B 186 -14.81 15.66 -3.71
N CYS B 187 -15.56 14.77 -3.08
CA CYS B 187 -15.27 14.34 -1.73
C CYS B 187 -15.60 12.86 -1.68
N LEU B 188 -15.01 12.14 -0.74
CA LEU B 188 -15.25 10.70 -0.59
C LEU B 188 -15.08 10.34 0.87
N SER B 189 -15.83 9.34 1.35
CA SER B 189 -15.70 8.96 2.74
C SER B 189 -15.64 7.46 2.86
N SER B 190 -15.12 7.00 3.98
CA SER B 190 -15.00 5.57 4.22
C SER B 190 -14.98 5.32 5.71
N ARG B 191 -15.45 4.15 6.10
CA ARG B 191 -15.47 3.79 7.50
C ARG B 191 -14.74 2.47 7.72
N LEU B 192 -13.98 2.41 8.81
CA LEU B 192 -13.26 1.20 9.16
C LEU B 192 -13.77 0.84 10.55
N ARG B 193 -14.25 -0.38 10.71
CA ARG B 193 -14.75 -0.78 12.02
C ARG B 193 -13.92 -1.89 12.64
N VAL B 194 -13.47 -1.67 13.88
CA VAL B 194 -12.67 -2.64 14.61
C VAL B 194 -13.25 -2.86 16.00
N SER B 195 -12.79 -3.88 16.70
CA SER B 195 -13.29 -4.16 18.03
C SER B 195 -12.89 -3.01 18.96
N ALA B 196 -13.67 -2.79 20.01
CA ALA B 196 -13.39 -1.72 20.97
C ALA B 196 -12.05 -1.92 21.66
N THR B 197 -11.77 -3.16 22.08
CA THR B 197 -10.52 -3.45 22.77
C THR B 197 -9.33 -3.24 21.84
N PHE B 198 -9.55 -3.49 20.54
CA PHE B 198 -8.48 -3.31 19.58
C PHE B 198 -8.18 -1.80 19.45
N TRP B 199 -9.23 -0.99 19.45
CA TRP B 199 -9.06 0.44 19.34
C TRP B 199 -8.52 1.05 20.62
N GLN B 200 -8.69 0.37 21.74
CA GLN B 200 -8.23 0.93 23.00
C GLN B 200 -6.78 0.68 23.33
N ASN B 201 -6.10 -0.12 22.50
CA ASN B 201 -4.69 -0.40 22.72
C ASN B 201 -3.92 0.74 22.04
N PRO B 202 -3.21 1.57 22.83
CA PRO B 202 -2.43 2.72 22.36
C PRO B 202 -1.33 2.36 21.35
N ARG B 203 -0.97 1.08 21.29
CA ARG B 203 0.06 0.62 20.38
C ARG B 203 -0.50 0.23 19.01
N ASN B 204 -1.81 0.34 18.83
CA ASN B 204 -2.39 0.03 17.54
C ASN B 204 -2.44 1.29 16.69
N HIS B 205 -2.04 1.16 15.44
CA HIS B 205 -1.96 2.27 14.51
C HIS B 205 -3.01 2.16 13.39
N PHE B 206 -3.61 3.28 13.00
CA PHE B 206 -4.64 3.26 11.95
C PHE B 206 -4.38 4.38 10.96
N ARG B 207 -4.36 4.02 9.68
CA ARG B 207 -4.09 5.01 8.65
C ARG B 207 -4.99 4.91 7.45
N CYS B 208 -5.52 6.06 7.06
CA CYS B 208 -6.38 6.14 5.91
C CYS B 208 -5.48 6.66 4.81
N GLN B 209 -5.44 5.95 3.70
CA GLN B 209 -4.58 6.33 2.59
C GLN B 209 -5.34 6.58 1.30
N VAL B 210 -5.09 7.73 0.68
CA VAL B 210 -5.75 8.06 -0.56
C VAL B 210 -4.71 8.31 -1.65
N GLN B 211 -4.76 7.47 -2.68
CA GLN B 211 -3.87 7.62 -3.81
C GLN B 211 -4.56 8.57 -4.77
N PHE B 212 -3.88 9.67 -5.09
CA PHE B 212 -4.42 10.62 -6.04
C PHE B 212 -3.65 10.48 -7.34
N TYR B 213 -4.38 10.31 -8.43
CA TYR B 213 -3.77 10.20 -9.73
C TYR B 213 -3.85 11.59 -10.36
N GLY B 214 -2.75 12.34 -10.28
CA GLY B 214 -2.77 13.69 -10.84
C GLY B 214 -1.82 13.92 -11.98
N LEU B 215 -1.25 15.12 -12.02
CA LEU B 215 -0.33 15.50 -13.08
C LEU B 215 0.99 14.76 -12.99
N SER B 216 1.61 14.58 -14.16
CA SER B 216 2.88 13.91 -14.28
C SER B 216 4.02 14.91 -14.08
N GLU B 217 5.25 14.40 -13.95
CA GLU B 217 6.39 15.29 -13.75
C GLU B 217 6.61 16.19 -14.97
N ASN B 218 6.45 15.62 -16.17
CA ASN B 218 6.66 16.38 -17.39
C ASN B 218 5.55 17.41 -17.65
N ASP B 219 4.29 17.04 -17.40
CA ASP B 219 3.16 17.96 -17.59
C ASP B 219 3.55 19.31 -16.99
N GLU B 220 3.41 20.38 -17.77
CA GLU B 220 3.77 21.72 -17.30
C GLU B 220 2.77 22.39 -16.38
N TRP B 221 3.30 22.97 -15.30
CA TRP B 221 2.46 23.65 -14.32
C TRP B 221 2.59 25.17 -14.44
N THR B 222 1.50 25.81 -14.85
CA THR B 222 1.46 27.25 -15.03
C THR B 222 1.18 28.03 -13.74
N GLN B 223 0.17 27.61 -13.00
CA GLN B 223 -0.24 28.27 -11.75
C GLN B 223 0.89 28.53 -10.75
N ASP B 224 0.50 29.08 -9.59
CA ASP B 224 1.44 29.42 -8.52
C ASP B 224 1.55 28.34 -7.45
N ARG B 225 0.40 27.80 -7.04
CA ARG B 225 0.34 26.75 -6.03
C ARG B 225 1.11 25.51 -6.50
N ALA B 226 1.48 24.66 -5.55
CA ALA B 226 2.22 23.44 -5.85
C ALA B 226 1.44 22.63 -6.89
N LYS B 227 2.13 22.06 -7.87
CA LYS B 227 1.41 21.30 -8.89
C LYS B 227 0.78 20.01 -8.37
N PRO B 228 -0.48 19.77 -8.76
CA PRO B 228 -1.28 18.60 -8.38
C PRO B 228 -0.81 17.31 -9.05
N VAL B 229 0.41 16.89 -8.70
CA VAL B 229 0.95 15.65 -9.27
C VAL B 229 0.40 14.42 -8.55
N THR B 230 0.60 13.26 -9.15
CA THR B 230 0.17 12.03 -8.52
C THR B 230 0.85 12.00 -7.16
N GLN B 231 0.10 11.60 -6.15
CA GLN B 231 0.67 11.58 -4.81
C GLN B 231 -0.23 10.83 -3.85
N ILE B 232 0.27 10.64 -2.65
CA ILE B 232 -0.48 9.96 -1.61
C ILE B 232 -0.72 10.89 -0.43
N VAL B 233 -1.99 11.01 -0.02
CA VAL B 233 -2.36 11.85 1.11
C VAL B 233 -2.96 10.95 2.21
N SER B 234 -2.37 11.01 3.41
CA SER B 234 -2.82 10.18 4.51
C SER B 234 -3.19 10.90 5.78
N ALA B 235 -3.97 10.21 6.60
CA ALA B 235 -4.38 10.72 7.89
C ALA B 235 -4.29 9.49 8.78
N GLU B 236 -3.72 9.63 9.97
CA GLU B 236 -3.58 8.49 10.86
C GLU B 236 -4.03 8.78 12.28
N ALA B 237 -4.19 7.71 13.04
CA ALA B 237 -4.63 7.82 14.42
C ALA B 237 -4.18 6.58 15.17
N TRP B 238 -3.78 6.77 16.42
CA TRP B 238 -3.37 5.67 17.27
C TRP B 238 -4.52 5.30 18.19
N GLY B 239 -4.48 4.08 18.73
CA GLY B 239 -5.52 3.65 19.64
C GLY B 239 -5.57 4.53 20.87
N ARG B 240 -6.78 4.79 21.34
CA ARG B 240 -6.98 5.64 22.50
C ARG B 240 -7.62 4.85 23.64
N ALA B 241 -6.85 4.59 24.67
CA ALA B 241 -7.38 3.86 25.83
C ALA B 241 -8.33 4.82 26.53
N ASP B 242 -9.48 4.33 26.97
CA ASP B 242 -10.44 5.19 27.66
C ASP B 242 -9.92 5.73 29.00
#